data_5ZXA
#
_entry.id   5ZXA
#
_cell.length_a   118.028
_cell.length_b   118.028
_cell.length_c   118.852
_cell.angle_alpha   90.000
_cell.angle_beta   90.000
_cell.angle_gamma   120.000
#
_symmetry.space_group_name_H-M   'H 3 2'
#
loop_
_entity.id
_entity.type
_entity.pdbx_description
1 polymer 'Alanine and proline-rich secreted protein Apa'
2 non-polymer 'MERCURY (II) ION'
3 non-polymer GLYCEROL
4 water water
#
_entity_poly.entity_id   1
_entity_poly.type   'polypeptide(L)'
_entity_poly.pdbx_seq_one_letter_code
;MHQVDPNLTRRKGRLAALAIAAMASASLVTVAVPATANADPEPAPPVPTTAASPPSTAAAPPAPATPVAPPPPAAANTPN
AQPGDPNAAPPPADPNAPPPPVIAPNAPQPVRIDNPVGGFSFALPAGWVESDAAHFDYGSALLSKTTGDPPFPGQPPPVC
NDTRIVLGRLDQKLYASAEATDSKAAARLGSDMGEFYMPYPGTRINQETVSLDANGVSGSASYYEVKFSDPSKPNGQIWT
GVIGSPAANAPDAGPPQRWFVVWLGTANNPVDKGAAKALAESIRPLVAPPPAPAPAPAEPAPAPAPAGEVAPTPTTPTPQ
RTLPA
;
_entity_poly.pdbx_strand_id   A
#
loop_
_chem_comp.id
_chem_comp.type
_chem_comp.name
_chem_comp.formula
GOL non-polymer GLYCEROL 'C3 H8 O3'
HG non-polymer 'MERCURY (II) ION' 'Hg 2'
#
# COMPACT_ATOMS: atom_id res chain seq x y z
N PRO A 110 -7.66 -2.79 -17.32
CA PRO A 110 -7.70 -3.44 -16.00
C PRO A 110 -6.80 -4.68 -15.98
N VAL A 111 -5.76 -4.66 -15.17
CA VAL A 111 -4.71 -5.68 -15.20
C VAL A 111 -4.79 -6.47 -13.89
N ARG A 112 -5.15 -7.76 -13.93
CA ARG A 112 -5.21 -8.51 -12.67
C ARG A 112 -3.98 -9.40 -12.50
N ILE A 113 -3.41 -9.37 -11.29
CA ILE A 113 -2.17 -10.06 -10.96
C ILE A 113 -2.48 -11.13 -9.91
N ASP A 114 -2.05 -12.37 -10.15
CA ASP A 114 -2.19 -13.42 -9.12
C ASP A 114 -0.97 -13.47 -8.20
N ASN A 115 -1.23 -13.71 -6.93
CA ASN A 115 -0.16 -13.93 -5.94
C ASN A 115 -0.48 -15.27 -5.29
N PRO A 116 -0.05 -16.39 -5.90
CA PRO A 116 -0.53 -17.69 -5.39
C PRO A 116 -0.03 -18.03 -4.00
N VAL A 117 1.20 -17.65 -3.65
CA VAL A 117 1.70 -17.96 -2.30
C VAL A 117 0.88 -17.19 -1.26
N GLY A 118 0.50 -15.96 -1.56
CA GLY A 118 -0.28 -15.20 -0.59
C GLY A 118 -1.77 -15.44 -0.68
N GLY A 119 -2.21 -16.24 -1.65
CA GLY A 119 -3.60 -16.65 -1.72
C GLY A 119 -4.57 -15.61 -2.28
N PHE A 120 -4.08 -14.64 -3.05
CA PHE A 120 -4.97 -13.56 -3.52
C PHE A 120 -4.55 -13.09 -4.90
N SER A 121 -5.48 -12.39 -5.57
CA SER A 121 -5.19 -11.64 -6.76
C SER A 121 -5.62 -10.20 -6.53
N PHE A 122 -5.12 -9.28 -7.34
CA PHE A 122 -5.40 -7.87 -7.19
C PHE A 122 -5.29 -7.19 -8.54
N ALA A 123 -5.91 -6.00 -8.65
CA ALA A 123 -5.82 -5.16 -9.85
C ALA A 123 -4.62 -4.22 -9.73
N LEU A 124 -3.68 -4.31 -10.70
CA LEU A 124 -2.51 -3.41 -10.72
C LEU A 124 -2.92 -1.97 -10.96
N PRO A 125 -2.59 -1.01 -10.08
CA PRO A 125 -2.98 0.39 -10.34
C PRO A 125 -2.33 0.92 -11.62
N ALA A 126 -3.10 1.71 -12.40
CA ALA A 126 -2.54 2.22 -13.65
C ALA A 126 -1.30 3.08 -13.36
N GLY A 127 -0.26 2.83 -14.13
CA GLY A 127 0.98 3.58 -14.00
C GLY A 127 1.96 2.96 -13.03
N TRP A 128 1.62 1.83 -12.42
CA TRP A 128 2.51 1.16 -11.47
C TRP A 128 3.04 -0.15 -12.05
N VAL A 129 4.25 -0.55 -11.62
CA VAL A 129 4.84 -1.83 -12.01
C VAL A 129 5.27 -2.57 -10.74
N GLU A 130 5.61 -3.86 -10.88
CA GLU A 130 6.19 -4.58 -9.73
C GLU A 130 7.64 -4.14 -9.52
N SER A 131 8.05 -4.01 -8.26
CA SER A 131 9.39 -3.49 -7.97
C SER A 131 10.41 -4.57 -7.99
N ASP A 132 9.98 -5.79 -7.67
CA ASP A 132 10.88 -6.92 -7.75
C ASP A 132 10.03 -8.16 -7.89
N ALA A 133 10.71 -9.29 -8.10
CA ALA A 133 9.98 -10.54 -8.19
C ALA A 133 9.94 -11.26 -6.85
N ALA A 134 10.94 -11.00 -6.00
CA ALA A 134 11.13 -11.82 -4.79
C ALA A 134 9.98 -11.71 -3.80
N HIS A 135 9.29 -10.54 -3.74
CA HIS A 135 8.18 -10.46 -2.79
C HIS A 135 7.16 -11.56 -2.98
N PHE A 136 6.91 -11.95 -4.25
CA PHE A 136 5.88 -12.96 -4.50
C PHE A 136 6.27 -14.33 -3.94
N ASP A 137 7.57 -14.55 -3.70
CA ASP A 137 8.05 -15.85 -3.20
C ASP A 137 7.35 -16.20 -1.88
N TYR A 138 7.05 -15.17 -1.09
CA TYR A 138 6.49 -15.41 0.24
C TYR A 138 5.15 -14.74 0.42
N GLY A 139 4.45 -14.45 -0.69
CA GLY A 139 3.07 -14.04 -0.66
C GLY A 139 2.84 -12.55 -0.50
N SER A 140 3.80 -11.69 -0.83
CA SER A 140 3.65 -10.23 -0.84
C SER A 140 3.93 -9.69 -2.23
N ALA A 141 3.72 -8.38 -2.37
CA ALA A 141 3.99 -7.69 -3.63
C ALA A 141 4.42 -6.29 -3.31
N LEU A 142 5.43 -5.81 -4.02
CA LEU A 142 5.93 -4.45 -3.83
C LEU A 142 5.80 -3.76 -5.18
N LEU A 143 5.18 -2.57 -5.21
CA LEU A 143 4.90 -1.87 -6.47
C LEU A 143 5.56 -0.52 -6.44
N SER A 144 6.01 -0.09 -7.61
CA SER A 144 6.62 1.22 -7.79
C SER A 144 5.89 1.97 -8.90
N LYS A 145 5.95 3.29 -8.85
CA LYS A 145 5.20 4.16 -9.77
C LYS A 145 6.12 4.65 -10.88
N THR A 146 5.77 4.37 -12.15
CA THR A 146 6.66 4.84 -13.21
C THR A 146 6.61 6.35 -13.31
N THR A 147 7.72 6.91 -13.74
CA THR A 147 7.71 8.36 -13.87
C THR A 147 6.98 8.87 -15.12
N GLY A 148 6.66 8.00 -16.09
CA GLY A 148 6.08 8.44 -17.33
C GLY A 148 7.08 8.58 -18.46
N ASP A 149 8.34 8.89 -18.16
CA ASP A 149 9.38 8.88 -19.19
C ASP A 149 9.74 7.45 -19.63
N PRO A 150 9.37 6.96 -20.82
CA PRO A 150 9.51 5.51 -21.08
C PRO A 150 10.96 5.11 -21.27
N PRO A 151 11.34 3.93 -20.83
CA PRO A 151 12.71 3.46 -21.02
C PRO A 151 12.87 2.90 -22.44
N PHE A 152 14.08 2.48 -22.77
CA PHE A 152 14.27 1.76 -24.04
C PHE A 152 13.50 0.44 -23.92
N PRO A 153 12.86 -0.04 -24.99
CA PRO A 153 12.02 -1.25 -24.83
C PRO A 153 12.80 -2.43 -24.30
N GLY A 154 12.18 -3.10 -23.33
CA GLY A 154 12.81 -4.19 -22.67
C GLY A 154 13.57 -3.81 -21.44
N GLN A 155 13.86 -2.53 -21.25
CA GLN A 155 14.61 -2.09 -20.07
C GLN A 155 13.69 -1.58 -18.98
N PRO A 156 14.13 -1.59 -17.72
CA PRO A 156 13.21 -1.23 -16.62
C PRO A 156 12.92 0.26 -16.62
N PRO A 157 11.68 0.62 -16.36
CA PRO A 157 11.31 2.05 -16.36
C PRO A 157 11.80 2.75 -15.11
N PRO A 158 12.19 4.01 -15.26
CA PRO A 158 12.43 4.88 -14.10
C PRO A 158 11.16 4.91 -13.25
N VAL A 159 11.36 4.92 -11.93
CA VAL A 159 10.24 5.00 -11.01
C VAL A 159 10.53 6.03 -9.95
N CYS A 160 9.44 6.53 -9.37
CA CYS A 160 9.55 7.50 -8.26
C CYS A 160 10.23 6.90 -7.04
N ASN A 161 11.01 7.74 -6.32
CA ASN A 161 11.60 7.14 -5.12
C ASN A 161 10.89 7.54 -3.84
N ASP A 162 9.84 8.32 -3.93
CA ASP A 162 9.14 8.78 -2.73
C ASP A 162 7.72 8.24 -2.63
N THR A 163 7.39 7.17 -3.34
CA THR A 163 6.10 6.54 -3.16
C THR A 163 6.24 5.04 -3.44
N ARG A 164 5.44 4.26 -2.78
CA ARG A 164 5.55 2.80 -2.91
C ARG A 164 4.26 2.13 -2.40
N ILE A 165 4.00 0.93 -2.86
CA ILE A 165 2.83 0.16 -2.36
C ILE A 165 3.29 -1.24 -1.97
N VAL A 166 2.88 -1.72 -0.82
CA VAL A 166 3.18 -3.11 -0.42
C VAL A 166 1.86 -3.79 -0.15
N LEU A 167 1.72 -5.00 -0.62
CA LEU A 167 0.50 -5.73 -0.25
C LEU A 167 0.81 -7.21 -0.02
N GLY A 168 -0.03 -7.88 0.71
CA GLY A 168 0.24 -9.30 0.97
C GLY A 168 -0.73 -9.93 1.95
N ARG A 169 -0.48 -11.18 2.24
CA ARG A 169 -1.29 -11.87 3.24
C ARG A 169 -0.88 -11.34 4.61
N LEU A 170 -1.81 -11.10 5.48
CA LEU A 170 -1.52 -10.61 6.82
C LEU A 170 -1.59 -11.80 7.76
N ASP A 171 -0.45 -12.17 8.32
CA ASP A 171 -0.33 -13.39 9.13
C ASP A 171 -1.37 -13.46 10.24
N GLN A 172 -2.07 -14.61 10.31
CA GLN A 172 -3.07 -14.84 11.35
C GLN A 172 -2.53 -14.62 12.77
N LYS A 173 -1.22 -14.82 12.95
CA LYS A 173 -0.58 -14.52 14.23
C LYS A 173 -0.50 -13.03 14.52
N LEU A 174 -0.51 -12.20 13.47
CA LEU A 174 -0.29 -10.77 13.63
C LEU A 174 -1.60 -10.01 13.77
N TYR A 175 -1.60 -9.02 14.68
CA TYR A 175 -2.67 -8.01 14.77
C TYR A 175 -4.03 -8.63 14.91
N THR A 181 -10.62 -6.96 15.26
CA THR A 181 -11.39 -6.42 14.12
C THR A 181 -10.48 -5.83 13.04
N ASP A 182 -10.97 -5.76 11.79
CA ASP A 182 -10.12 -5.17 10.75
C ASP A 182 -9.84 -3.70 11.02
N SER A 183 -10.77 -3.00 11.71
CA SER A 183 -10.51 -1.60 12.01
C SER A 183 -9.34 -1.45 12.97
N LYS A 184 -9.32 -2.24 14.04
CA LYS A 184 -8.21 -2.14 14.97
C LYS A 184 -6.93 -2.57 14.29
N ALA A 185 -7.02 -3.63 13.50
CA ALA A 185 -5.83 -4.15 12.83
C ALA A 185 -5.22 -3.12 11.88
N ALA A 186 -6.04 -2.42 11.09
CA ALA A 186 -5.46 -1.47 10.14
C ALA A 186 -4.83 -0.31 10.86
N ALA A 187 -5.44 0.15 11.97
CA ALA A 187 -4.83 1.22 12.74
C ALA A 187 -3.47 0.83 13.31
N ARG A 188 -3.40 -0.36 13.91
CA ARG A 188 -2.15 -0.84 14.50
C ARG A 188 -1.11 -1.06 13.43
N LEU A 189 -1.49 -1.73 12.35
CA LEU A 189 -0.54 -1.93 11.24
C LEU A 189 -0.07 -0.60 10.66
N GLY A 190 -0.98 0.34 10.46
CA GLY A 190 -0.62 1.65 9.94
C GLY A 190 0.35 2.39 10.84
N SER A 191 0.17 2.29 12.15
CA SER A 191 1.12 2.91 13.08
C SER A 191 2.51 2.29 12.94
N ASP A 192 2.57 0.96 12.87
CA ASP A 192 3.86 0.29 12.73
C ASP A 192 4.51 0.58 11.38
N MET A 193 3.74 0.52 10.31
CA MET A 193 4.27 0.83 8.98
C MET A 193 4.82 2.23 8.91
N GLY A 194 4.18 3.18 9.62
CA GLY A 194 4.68 4.54 9.54
C GLY A 194 6.02 4.70 10.25
N GLU A 195 6.24 3.94 11.32
CA GLU A 195 7.56 3.91 11.94
C GLU A 195 8.60 3.32 11.00
N PHE A 196 8.25 2.22 10.39
CA PHE A 196 9.19 1.49 9.50
C PHE A 196 9.59 2.33 8.28
N TYR A 197 8.63 2.97 7.66
CA TYR A 197 8.89 3.73 6.41
C TYR A 197 9.19 5.21 6.65
N MET A 198 8.81 5.75 7.77
CA MET A 198 9.05 7.17 8.07
C MET A 198 9.61 7.26 9.49
N PRO A 199 10.83 6.81 9.69
CA PRO A 199 11.42 6.75 11.03
C PRO A 199 11.98 8.05 11.61
N TYR A 200 11.50 9.18 11.21
CA TYR A 200 11.98 10.48 11.71
C TYR A 200 10.92 11.05 12.64
N PRO A 201 11.33 11.89 13.56
CA PRO A 201 10.39 12.46 14.50
C PRO A 201 9.38 13.38 13.80
N GLY A 202 8.17 13.35 14.29
CA GLY A 202 7.17 14.24 13.72
C GLY A 202 5.84 14.03 14.42
N THR A 203 4.82 14.68 13.88
CA THR A 203 3.47 14.63 14.44
C THR A 203 2.49 14.10 13.40
N ARG A 204 1.59 13.20 13.81
CA ARG A 204 0.54 12.69 12.92
C ARG A 204 -0.61 13.68 12.82
N ILE A 205 -1.01 13.98 11.59
CA ILE A 205 -2.07 14.96 11.31
C ILE A 205 -2.99 14.43 10.21
N ASN A 206 -4.14 15.06 10.06
CA ASN A 206 -5.05 14.73 8.97
C ASN A 206 -5.41 13.24 8.92
N GLN A 207 -5.62 12.66 10.08
CA GLN A 207 -6.00 11.23 10.17
C GLN A 207 -7.39 10.96 9.58
N GLU A 208 -7.54 9.78 8.97
CA GLU A 208 -8.84 9.32 8.46
C GLU A 208 -8.93 7.81 8.64
N THR A 209 -10.14 7.31 8.78
CA THR A 209 -10.36 5.87 8.60
C THR A 209 -11.39 5.68 7.50
N VAL A 210 -11.30 4.57 6.78
CA VAL A 210 -12.10 4.35 5.58
C VAL A 210 -12.63 2.93 5.64
N SER A 211 -13.95 2.76 5.48
CA SER A 211 -14.50 1.40 5.37
C SER A 211 -14.18 0.79 4.01
N LEU A 212 -13.88 -0.52 3.99
CA LEU A 212 -13.60 -1.22 2.75
C LEU A 212 -14.59 -2.35 2.52
N ASP A 213 -14.88 -2.59 1.27
CA ASP A 213 -15.76 -3.69 0.85
C ASP A 213 -15.18 -4.26 -0.44
N ALA A 214 -14.48 -5.41 -0.33
CA ALA A 214 -13.84 -6.09 -1.47
C ALA A 214 -14.75 -7.21 -1.92
N ASN A 215 -15.65 -6.90 -2.86
CA ASN A 215 -16.59 -7.88 -3.38
C ASN A 215 -17.30 -8.61 -2.24
N GLY A 216 -17.67 -7.84 -1.23
CA GLY A 216 -18.43 -8.34 -0.12
C GLY A 216 -17.60 -8.71 1.08
N VAL A 217 -16.28 -8.74 0.94
CA VAL A 217 -15.40 -9.01 2.06
C VAL A 217 -15.08 -7.67 2.67
N SER A 218 -15.44 -7.48 3.95
CA SER A 218 -15.26 -6.21 4.63
C SER A 218 -13.80 -6.00 5.06
N GLY A 219 -13.45 -4.72 5.22
CA GLY A 219 -12.20 -4.39 5.83
C GLY A 219 -12.23 -2.93 6.24
N SER A 220 -11.05 -2.43 6.56
CA SER A 220 -10.94 -1.07 7.08
C SER A 220 -9.56 -0.54 6.72
N ALA A 221 -9.44 0.77 6.59
CA ALA A 221 -8.13 1.37 6.37
C ALA A 221 -7.93 2.57 7.27
N SER A 222 -6.66 2.83 7.54
CA SER A 222 -6.27 3.97 8.37
C SER A 222 -5.29 4.81 7.56
N TYR A 223 -5.54 6.11 7.49
CA TYR A 223 -4.66 7.01 6.77
C TYR A 223 -4.16 8.10 7.72
N TYR A 224 -2.99 8.55 7.55
CA TYR A 224 -2.51 9.79 8.20
C TYR A 224 -1.27 10.30 7.50
N GLU A 225 -1.03 11.57 7.81
CA GLU A 225 0.12 12.34 7.32
C GLU A 225 1.04 12.62 8.50
N VAL A 226 2.30 12.80 8.20
CA VAL A 226 3.30 13.10 9.23
C VAL A 226 3.91 14.45 8.90
N LYS A 227 3.78 15.39 9.84
CA LYS A 227 4.51 16.66 9.76
C LYS A 227 5.80 16.46 10.55
N PHE A 228 6.92 16.39 9.82
CA PHE A 228 8.20 16.08 10.43
C PHE A 228 8.76 17.28 11.18
N SER A 229 9.51 16.98 12.24
CA SER A 229 10.24 18.03 12.97
C SER A 229 11.18 18.81 12.07
N ASP A 230 11.82 18.15 11.11
CA ASP A 230 12.71 18.76 10.12
C ASP A 230 11.86 19.58 9.15
N PRO A 231 11.94 20.92 9.17
CA PRO A 231 11.06 21.70 8.28
C PRO A 231 11.37 21.54 6.79
N SER A 232 12.53 21.03 6.43
CA SER A 232 12.88 20.76 5.04
C SER A 232 12.41 19.40 4.55
N LYS A 233 11.81 18.57 5.43
CA LYS A 233 11.30 17.29 4.89
C LYS A 233 9.85 17.46 4.44
N PRO A 234 9.46 17.03 3.24
CA PRO A 234 8.03 17.08 2.90
C PRO A 234 7.26 16.16 3.82
N ASN A 235 6.00 16.54 4.06
CA ASN A 235 5.16 15.73 4.94
C ASN A 235 5.04 14.32 4.37
N GLY A 236 5.07 13.30 5.26
CA GLY A 236 4.86 11.93 4.83
C GLY A 236 3.36 11.61 4.77
N GLN A 237 2.96 10.64 3.95
CA GLN A 237 1.56 10.19 3.89
C GLN A 237 1.53 8.67 3.87
N ILE A 238 0.63 8.07 4.63
CA ILE A 238 0.53 6.60 4.61
C ILE A 238 -0.93 6.15 4.73
N TRP A 239 -1.32 5.22 3.87
CA TRP A 239 -2.66 4.60 3.88
C TRP A 239 -2.48 3.12 4.07
N THR A 240 -3.12 2.56 5.11
CA THR A 240 -2.96 1.14 5.42
C THR A 240 -4.32 0.50 5.52
N GLY A 241 -4.56 -0.53 4.69
CA GLY A 241 -5.85 -1.22 4.67
C GLY A 241 -5.67 -2.68 5.06
N VAL A 242 -6.67 -3.23 5.76
CA VAL A 242 -6.76 -4.66 6.04
C VAL A 242 -8.13 -5.15 5.56
N ILE A 243 -8.14 -6.25 4.83
CA ILE A 243 -9.33 -6.78 4.17
C ILE A 243 -9.44 -8.22 4.63
N GLY A 244 -10.63 -8.65 5.04
CA GLY A 244 -10.82 -10.07 5.38
C GLY A 244 -11.38 -10.33 6.77
N GLN A 257 -8.80 -15.69 6.81
CA GLN A 257 -7.77 -15.09 5.95
C GLN A 257 -7.90 -13.58 5.68
N ARG A 258 -6.76 -12.89 5.80
CA ARG A 258 -6.72 -11.43 5.75
C ARG A 258 -5.56 -11.00 4.88
N TRP A 259 -5.73 -9.83 4.24
CA TRP A 259 -4.71 -9.26 3.39
C TRP A 259 -4.54 -7.80 3.77
N PHE A 260 -3.33 -7.29 3.54
CA PHE A 260 -3.06 -5.87 3.80
C PHE A 260 -2.61 -5.14 2.55
N VAL A 261 -2.83 -3.82 2.54
CA VAL A 261 -2.36 -2.92 1.49
C VAL A 261 -1.76 -1.70 2.16
N VAL A 262 -0.53 -1.35 1.82
CA VAL A 262 0.07 -0.12 2.37
C VAL A 262 0.47 0.76 1.20
N TRP A 263 -0.01 2.01 1.16
CA TRP A 263 0.37 2.93 0.08
C TRP A 263 1.04 4.13 0.75
N LEU A 264 2.29 4.36 0.40
CA LEU A 264 3.14 5.38 1.03
C LEU A 264 3.38 6.51 0.05
N GLY A 265 3.35 7.75 0.51
CA GLY A 265 3.66 8.85 -0.36
C GLY A 265 4.14 10.04 0.47
N THR A 266 4.17 11.20 -0.16
CA THR A 266 4.59 12.44 0.49
C THR A 266 3.75 13.58 -0.06
N ALA A 267 3.90 14.74 0.57
CA ALA A 267 3.22 15.93 0.05
C ALA A 267 3.56 16.22 -1.41
N ASN A 268 4.78 15.87 -1.85
CA ASN A 268 5.14 16.07 -3.25
C ASN A 268 4.62 14.95 -4.15
N ASN A 269 4.29 13.78 -3.60
CA ASN A 269 3.86 12.64 -4.40
C ASN A 269 2.79 11.92 -3.60
N PRO A 270 1.59 12.50 -3.53
CA PRO A 270 0.63 12.10 -2.47
C PRO A 270 0.08 10.70 -2.70
N VAL A 271 -0.36 10.05 -1.60
CA VAL A 271 -1.21 8.88 -1.71
C VAL A 271 -2.45 9.27 -2.51
N ASP A 272 -2.80 8.47 -3.49
CA ASP A 272 -4.09 8.60 -4.18
C ASP A 272 -5.09 7.78 -3.39
N LYS A 273 -5.86 8.45 -2.52
CA LYS A 273 -6.69 7.71 -1.58
C LYS A 273 -7.76 6.91 -2.29
N GLY A 274 -8.35 7.47 -3.35
CA GLY A 274 -9.35 6.72 -4.09
C GLY A 274 -8.77 5.49 -4.76
N ALA A 275 -7.54 5.61 -5.27
CA ALA A 275 -6.93 4.45 -5.92
C ALA A 275 -6.50 3.43 -4.89
N ALA A 276 -6.13 3.87 -3.68
CA ALA A 276 -5.73 2.89 -2.67
C ALA A 276 -6.94 2.10 -2.22
N LYS A 277 -8.07 2.80 -2.03
CA LYS A 277 -9.29 2.07 -1.71
C LYS A 277 -9.66 1.10 -2.83
N ALA A 278 -9.54 1.52 -4.10
CA ALA A 278 -9.86 0.63 -5.22
C ALA A 278 -8.93 -0.57 -5.24
N LEU A 279 -7.63 -0.34 -4.93
CA LEU A 279 -6.70 -1.47 -4.91
C LEU A 279 -7.08 -2.49 -3.84
N ALA A 280 -7.36 -2.01 -2.62
CA ALA A 280 -7.72 -2.96 -1.57
C ALA A 280 -9.04 -3.65 -1.92
N GLU A 281 -10.00 -2.89 -2.46
CA GLU A 281 -11.29 -3.53 -2.81
C GLU A 281 -11.19 -4.42 -4.04
N SER A 282 -10.06 -4.40 -4.76
CA SER A 282 -9.88 -5.29 -5.90
C SER A 282 -9.37 -6.66 -5.49
N ILE A 283 -9.05 -6.85 -4.21
CA ILE A 283 -8.45 -8.11 -3.75
C ILE A 283 -9.49 -9.22 -3.78
N ARG A 284 -9.11 -10.36 -4.36
CA ARG A 284 -9.99 -11.52 -4.41
C ARG A 284 -9.19 -12.72 -3.92
N PRO A 285 -9.76 -13.57 -3.07
CA PRO A 285 -9.05 -14.81 -2.72
C PRO A 285 -8.90 -15.68 -3.93
N LEU A 286 -7.78 -16.41 -4.01
CA LEU A 286 -7.60 -17.37 -5.08
C LEU A 286 -8.14 -18.72 -4.62
N VAL A 287 -8.82 -19.42 -5.52
CA VAL A 287 -9.19 -20.79 -5.19
C VAL A 287 -8.79 -21.80 -6.27
HG HG B . 8.31 10.79 -9.29
C1 GOL C . 5.06 9.66 15.03
O1 GOL C . 5.93 9.13 16.06
C2 GOL C . 5.61 9.56 13.56
O2 GOL C . 7.02 9.64 13.38
C3 GOL C . 5.17 8.40 12.67
O3 GOL C . 6.33 8.08 11.85
#